data_6G68
#
_entry.id   6G68
#
_cell.length_a   58.361
_cell.length_b   90.030
_cell.length_c   112.470
_cell.angle_alpha   90.000
_cell.angle_beta   90.000
_cell.angle_gamma   90.000
#
_symmetry.space_group_name_H-M   'P 2 21 21'
#
loop_
_entity.id
_entity.type
_entity.pdbx_description
1 polymer CC-Type2-IL-Sg
2 non-polymer 'SULFATE ION'
3 water water
#
_entity_poly.entity_id   1
_entity_poly.type   'polypeptide(L)'
_entity_poly.pdbx_seq_one_letter_code
;(ACE)GELAQSIKELAKSIKELAWSIKELAQSIKG(NH2)
;
_entity_poly.pdbx_strand_id   A,B,C,D,E,F,G,H,I,J,K,L,M,N,O,P,Q,R
#
loop_
_chem_comp.id
_chem_comp.type
_chem_comp.name
_chem_comp.formula
ACE non-polymer 'ACETYL GROUP' 'C2 H4 O'
NH2 non-polymer 'AMINO GROUP' 'H2 N'
SO4 non-polymer 'SULFATE ION' 'O4 S -2'
#
# COMPACT_ATOMS: atom_id res chain seq x y z
C ACE A 1 8.85 9.99 28.89
O ACE A 1 7.74 10.52 29.00
CH3 ACE A 1 8.91 8.69 28.17
N GLY A 2 9.99 10.49 29.39
CA GLY A 2 11.33 9.91 29.31
C GLY A 2 11.94 9.86 27.92
N GLU A 3 12.97 9.02 27.76
CA GLU A 3 13.64 8.91 26.47
C GLU A 3 12.69 8.43 25.36
N LEU A 4 11.75 7.54 25.68
CA LEU A 4 10.84 7.07 24.63
C LEU A 4 10.04 8.22 24.01
N ALA A 5 9.48 9.09 24.85
CA ALA A 5 8.73 10.23 24.32
C ALA A 5 9.64 11.22 23.62
N GLN A 6 10.86 11.43 24.13
CA GLN A 6 11.77 12.35 23.46
C GLN A 6 12.14 11.81 22.07
N SER A 7 12.31 10.50 21.93
CA SER A 7 12.61 9.94 20.62
C SER A 7 11.44 10.09 19.66
N ILE A 8 10.20 9.91 20.14
CA ILE A 8 9.03 10.07 19.26
CA ILE A 8 9.06 10.06 19.23
C ILE A 8 8.92 11.51 18.79
N LYS A 9 9.22 12.46 19.70
CA LYS A 9 9.23 13.88 19.30
C LYS A 9 10.28 14.17 18.23
N GLU A 10 11.48 13.59 18.37
CA GLU A 10 12.53 13.78 17.36
C GLU A 10 12.10 13.19 16.02
N LEU A 11 11.48 12.00 16.04
CA LEU A 11 10.97 11.43 14.80
C LEU A 11 9.93 12.33 14.14
N ALA A 12 8.98 12.88 14.93
CA ALA A 12 7.96 13.76 14.35
C ALA A 12 8.57 15.02 13.75
N LYS A 13 9.63 15.57 14.37
CA LYS A 13 10.32 16.72 13.78
C LYS A 13 10.94 16.37 12.43
N SER A 14 11.52 15.18 12.31
CA SER A 14 12.12 14.79 11.04
C SER A 14 11.06 14.55 9.96
N ILE A 15 9.93 13.96 10.33
CA ILE A 15 8.88 13.74 9.32
CA ILE A 15 8.85 13.75 9.36
C ILE A 15 8.30 15.07 8.87
N LYS A 16 8.18 16.07 9.77
CA LYS A 16 7.73 17.39 9.36
C LYS A 16 8.72 18.01 8.36
N GLU A 17 10.02 17.86 8.60
CA GLU A 17 11.02 18.38 7.67
C GLU A 17 10.94 17.66 6.31
N LEU A 18 10.73 16.35 6.32
CA LEU A 18 10.53 15.60 5.08
C LEU A 18 9.34 16.14 4.28
N ALA A 19 8.21 16.36 4.96
CA ALA A 19 7.03 16.90 4.28
C ALA A 19 7.31 18.27 3.67
N TRP A 20 8.09 19.13 4.35
CA TRP A 20 8.44 20.43 3.74
C TRP A 20 9.29 20.24 2.48
N SER A 21 10.21 19.27 2.49
CA SER A 21 11.04 19.01 1.31
C SER A 21 10.23 18.46 0.15
N ILE A 22 9.26 17.57 0.42
CA ILE A 22 8.38 17.07 -0.63
C ILE A 22 7.54 18.20 -1.23
N LYS A 23 7.07 19.13 -0.38
CA LYS A 23 6.33 20.28 -0.90
C LYS A 23 7.18 21.12 -1.84
N GLU A 24 8.45 21.36 -1.48
CA GLU A 24 9.31 22.17 -2.35
C GLU A 24 9.67 21.41 -3.63
N LEU A 25 9.78 20.09 -3.56
CA LEU A 25 9.96 19.29 -4.78
C LEU A 25 8.73 19.43 -5.70
N ALA A 26 7.52 19.29 -5.14
CA ALA A 26 6.31 19.48 -5.93
C ALA A 26 6.24 20.87 -6.55
N GLN A 27 6.59 21.90 -5.77
CA GLN A 27 6.56 23.26 -6.29
C GLN A 27 7.55 23.45 -7.45
N SER A 28 8.72 22.82 -7.37
CA SER A 28 9.68 23.01 -8.46
C SER A 28 9.22 22.32 -9.74
N ILE A 29 8.48 21.21 -9.62
CA ILE A 29 7.95 20.51 -10.78
C ILE A 29 6.74 21.25 -11.35
N LYS A 30 5.90 21.84 -10.50
CA LYS A 30 4.80 22.65 -11.00
C LYS A 30 5.32 23.87 -11.75
N GLY A 31 6.37 24.50 -11.23
CA GLY A 31 6.95 25.67 -11.87
C GLY A 31 5.99 26.83 -12.02
C ACE B 1 15.95 -4.50 30.21
O ACE B 1 15.94 -3.52 29.46
CH3 ACE B 1 15.09 -4.52 31.44
N GLY B 2 16.69 -5.59 30.01
CA GLY B 2 17.61 -5.82 28.91
C GLY B 2 17.08 -5.66 27.48
N GLU B 3 15.96 -6.32 27.17
CA GLU B 3 15.45 -6.24 25.80
C GLU B 3 14.81 -4.89 25.52
N LEU B 4 14.06 -4.33 26.48
CA LEU B 4 13.57 -2.96 26.29
C LEU B 4 14.73 -1.98 26.14
N ALA B 5 15.77 -2.09 26.98
CA ALA B 5 16.90 -1.19 26.85
C ALA B 5 17.53 -1.26 25.46
N GLN B 6 17.66 -2.47 24.89
CA GLN B 6 18.20 -2.60 23.54
CA GLN B 6 18.23 -2.54 23.55
C GLN B 6 17.26 -2.04 22.48
N SER B 7 15.94 -2.16 22.71
CA SER B 7 14.96 -1.50 21.84
CA SER B 7 14.94 -1.50 21.88
C SER B 7 15.28 -0.03 21.68
N ILE B 8 15.40 0.66 22.81
CA ILE B 8 15.54 2.11 22.85
C ILE B 8 16.76 2.53 22.06
N LYS B 9 17.87 1.81 22.25
CA LYS B 9 19.10 2.16 21.58
C LYS B 9 19.00 1.95 20.06
N GLU B 10 18.33 0.88 19.62
CA GLU B 10 18.09 0.72 18.17
C GLU B 10 17.20 1.82 17.63
N LEU B 11 16.18 2.21 18.38
CA LEU B 11 15.33 3.32 17.96
C LEU B 11 16.15 4.60 17.78
N ALA B 12 17.06 4.89 18.72
CA ALA B 12 17.86 6.10 18.65
C ALA B 12 18.76 6.12 17.42
N LYS B 13 19.37 4.98 17.08
CA LYS B 13 20.20 4.93 15.88
C LYS B 13 19.37 5.10 14.62
N SER B 14 18.19 4.47 14.55
CA SER B 14 17.37 4.62 13.35
C SER B 14 16.94 6.06 13.15
N ILE B 15 16.75 6.81 14.24
CA ILE B 15 16.33 8.20 14.08
C ILE B 15 17.49 9.10 13.64
N LYS B 16 18.72 8.78 14.05
CA LYS B 16 19.87 9.48 13.48
C LYS B 16 20.01 9.20 11.98
N GLU B 17 19.85 7.93 11.56
CA GLU B 17 19.93 7.62 10.13
C GLU B 17 18.85 8.34 9.33
N LEU B 18 17.63 8.42 9.88
CA LEU B 18 16.56 9.19 9.24
C LEU B 18 16.99 10.65 9.05
N ALA B 19 17.55 11.27 10.10
CA ALA B 19 17.96 12.66 10.00
C ALA B 19 19.01 12.87 8.90
N TRP B 20 19.98 11.94 8.81
CA TRP B 20 21.02 12.04 7.79
C TRP B 20 20.43 11.96 6.38
N SER B 21 19.48 11.06 6.18
CA SER B 21 18.90 10.88 4.84
C SER B 21 18.11 12.10 4.40
N ILE B 22 17.48 12.79 5.33
CA ILE B 22 16.71 13.99 5.00
C ILE B 22 17.64 15.16 4.65
N LYS B 23 18.82 15.23 5.26
CA LYS B 23 19.81 16.21 4.79
C LYS B 23 20.25 15.92 3.36
N GLU B 24 20.44 14.65 3.02
CA GLU B 24 20.80 14.29 1.65
C GLU B 24 19.69 14.68 0.67
N LEU B 25 18.43 14.43 1.04
CA LEU B 25 17.29 14.79 0.22
C LEU B 25 17.25 16.29 -0.05
N ALA B 26 17.49 17.11 0.98
CA ALA B 26 17.46 18.56 0.77
C ALA B 26 18.55 19.00 -0.20
N GLN B 27 19.75 18.43 -0.06
CA GLN B 27 20.85 18.82 -0.93
C GLN B 27 20.57 18.44 -2.38
N SER B 28 19.92 17.31 -2.62
CA SER B 28 19.66 16.89 -3.99
C SER B 28 18.61 17.79 -4.64
N ILE B 29 17.60 18.19 -3.87
CA ILE B 29 16.57 19.10 -4.38
C ILE B 29 17.18 20.43 -4.77
N LYS B 30 18.05 20.97 -3.90
CA LYS B 30 18.61 22.30 -4.14
CA LYS B 30 18.63 22.30 -4.11
C LYS B 30 19.66 22.29 -5.23
N GLY B 31 20.37 21.18 -5.42
CA GLY B 31 21.38 21.08 -6.47
C GLY B 31 20.83 21.16 -7.88
N GLY C 2 8.71 -8.08 26.67
CA GLY C 2 7.27 -7.86 26.63
C GLY C 2 6.81 -7.16 25.37
N GLU C 3 5.54 -6.74 25.36
CA GLU C 3 4.96 -6.11 24.17
C GLU C 3 5.61 -4.77 23.88
N LEU C 4 5.99 -4.03 24.92
CA LEU C 4 6.52 -2.69 24.65
C LEU C 4 7.86 -2.77 23.94
N ALA C 5 8.75 -3.63 24.42
CA ALA C 5 10.00 -3.84 23.69
C ALA C 5 9.75 -4.32 22.26
N GLN C 6 8.84 -5.28 22.09
CA GLN C 6 8.56 -5.79 20.74
C GLN C 6 8.07 -4.68 19.82
N SER C 7 7.20 -3.80 20.32
CA SER C 7 6.68 -2.74 19.46
C SER C 7 7.76 -1.76 19.07
N ILE C 8 8.71 -1.49 19.97
CA ILE C 8 9.76 -0.52 19.65
C ILE C 8 10.77 -1.08 18.62
N LYS C 9 11.08 -2.39 18.68
CA LYS C 9 11.78 -3.09 17.59
C LYS C 9 11.21 -2.79 16.22
N GLU C 10 9.92 -3.10 16.06
CA GLU C 10 9.29 -2.93 14.77
C GLU C 10 9.32 -1.47 14.36
N LEU C 11 9.12 -0.56 15.32
CA LEU C 11 9.23 0.87 15.01
C LEU C 11 10.61 1.21 14.46
N ALA C 12 11.68 0.79 15.16
CA ALA C 12 13.03 1.10 14.69
C ALA C 12 13.28 0.51 13.31
N LYS C 13 12.85 -0.73 13.08
CA LYS C 13 13.09 -1.31 11.75
C LYS C 13 12.30 -0.55 10.68
N SER C 14 11.08 -0.08 11.00
CA SER C 14 10.35 0.68 9.98
C SER C 14 11.02 2.01 9.68
N ILE C 15 11.59 2.67 10.70
CA ILE C 15 12.30 3.93 10.47
C ILE C 15 13.56 3.70 9.62
N LYS C 16 14.27 2.59 9.86
CA LYS C 16 15.43 2.28 9.03
C LYS C 16 15.03 2.11 7.57
N GLU C 17 13.89 1.45 7.32
CA GLU C 17 13.43 1.29 5.95
C GLU C 17 13.02 2.62 5.33
N LEU C 18 12.43 3.52 6.13
CA LEU C 18 12.08 4.84 5.61
C LEU C 18 13.33 5.63 5.23
N ALA C 19 14.37 5.60 6.09
CA ALA C 19 15.63 6.26 5.77
C ALA C 19 16.21 5.75 4.44
N TRP C 20 16.19 4.43 4.22
CA TRP C 20 16.71 3.90 2.96
CA TRP C 20 16.70 3.89 2.96
CA TRP C 20 16.71 3.89 2.97
C TRP C 20 15.88 4.38 1.77
N SER C 21 14.55 4.46 1.91
CA SER C 21 13.73 4.91 0.80
CA SER C 21 13.73 4.91 0.80
C SER C 21 14.00 6.37 0.46
N ILE C 22 14.28 7.19 1.48
CA ILE C 22 14.58 8.60 1.26
C ILE C 22 15.93 8.77 0.56
N LYS C 23 16.92 7.95 0.93
CA LYS C 23 18.19 7.97 0.19
C LYS C 23 17.97 7.62 -1.28
N GLU C 24 17.10 6.64 -1.56
CA GLU C 24 16.79 6.29 -2.95
C GLU C 24 16.14 7.45 -3.69
N LEU C 25 15.19 8.12 -3.04
CA LEU C 25 14.58 9.33 -3.60
C LEU C 25 15.63 10.41 -3.88
N ALA C 26 16.50 10.71 -2.90
CA ALA C 26 17.55 11.71 -3.11
C ALA C 26 18.40 11.41 -4.34
N GLN C 27 18.76 10.13 -4.53
CA GLN C 27 19.59 9.74 -5.66
C GLN C 27 18.82 9.85 -6.98
N SER C 28 17.53 9.51 -6.98
CA SER C 28 16.73 9.70 -8.18
CA SER C 28 16.72 9.70 -8.17
C SER C 28 16.63 11.17 -8.56
N ILE C 29 16.45 12.04 -7.57
CA ILE C 29 16.31 13.48 -7.83
C ILE C 29 17.61 14.06 -8.40
N LYS C 30 18.73 13.69 -7.79
CA LYS C 30 20.03 14.16 -8.27
C LYS C 30 20.32 13.62 -9.66
N GLY C 31 19.89 12.40 -9.95
CA GLY C 31 20.10 11.80 -11.25
C GLY C 31 21.57 11.62 -11.57
C ACE D 1 1.43 -2.16 27.21
O ACE D 1 1.64 -0.94 27.20
CH3 ACE D 1 2.55 -3.18 27.30
N GLY D 2 0.21 -2.70 27.11
CA GLY D 2 -1.01 -1.91 27.03
C GLY D 2 -1.21 -1.04 25.80
N GLU D 3 -1.86 0.13 26.00
CA GLU D 3 -2.19 0.99 24.87
C GLU D 3 -0.97 1.73 24.34
N LEU D 4 0.06 1.95 25.18
CA LEU D 4 1.29 2.53 24.67
C LEU D 4 1.90 1.65 23.60
N ALA D 5 2.06 0.35 23.89
CA ALA D 5 2.61 -0.56 22.89
C ALA D 5 1.72 -0.65 21.67
N GLN D 6 0.39 -0.66 21.89
CA GLN D 6 -0.53 -0.72 20.75
C GLN D 6 -0.37 0.49 19.85
N SER D 7 -0.22 1.68 20.43
CA SER D 7 -0.08 2.88 19.61
C SER D 7 1.23 2.88 18.84
N ILE D 8 2.28 2.34 19.44
CA ILE D 8 3.58 2.28 18.76
C ILE D 8 3.54 1.28 17.60
N LYS D 9 2.73 0.22 17.70
CA LYS D 9 2.59 -0.67 16.55
C LYS D 9 1.85 0.00 15.41
N GLU D 10 0.83 0.81 15.72
CA GLU D 10 0.14 1.59 14.70
C GLU D 10 1.08 2.60 14.02
N LEU D 11 1.93 3.27 14.82
CA LEU D 11 2.89 4.21 14.23
C LEU D 11 3.86 3.49 13.30
N ALA D 12 4.37 2.32 13.71
CA ALA D 12 5.28 1.56 12.85
C ALA D 12 4.62 1.19 11.52
N LYS D 13 3.35 0.81 11.55
CA LYS D 13 2.66 0.48 10.32
C LYS D 13 2.48 1.70 9.42
N SER D 14 2.24 2.88 10.01
CA SER D 14 2.11 4.09 9.20
CA SER D 14 2.11 4.09 9.19
C SER D 14 3.44 4.46 8.54
N ILE D 15 4.55 4.24 9.25
CA ILE D 15 5.88 4.53 8.71
CA ILE D 15 5.84 4.57 8.68
C ILE D 15 6.19 3.61 7.53
N LYS D 16 5.78 2.34 7.61
CA LYS D 16 5.99 1.45 6.47
C LYS D 16 5.21 1.93 5.24
N GLU D 17 4.00 2.44 5.45
CA GLU D 17 3.22 2.95 4.31
C GLU D 17 3.85 4.19 3.70
N LEU D 18 4.42 5.04 4.54
CA LEU D 18 5.15 6.21 4.03
C LEU D 18 6.38 5.80 3.24
N ALA D 19 7.12 4.78 3.72
CA ALA D 19 8.30 4.35 2.98
C ALA D 19 7.92 3.83 1.61
N TRP D 20 6.79 3.11 1.51
CA TRP D 20 6.37 2.62 0.20
C TRP D 20 6.01 3.77 -0.74
N SER D 21 5.28 4.79 -0.25
CA SER D 21 4.91 5.92 -1.10
CA SER D 21 4.92 5.93 -1.09
C SER D 21 6.16 6.65 -1.59
N ILE D 22 7.19 6.74 -0.75
CA ILE D 22 8.44 7.41 -1.15
CA ILE D 22 8.42 7.42 -1.18
C ILE D 22 9.13 6.62 -2.26
N LYS D 23 9.09 5.27 -2.19
CA LYS D 23 9.63 4.49 -3.30
C LYS D 23 8.87 4.76 -4.59
N GLU D 24 7.54 4.86 -4.51
CA GLU D 24 6.72 5.15 -5.71
C GLU D 24 7.06 6.52 -6.29
N LEU D 25 7.30 7.50 -5.44
CA LEU D 25 7.67 8.82 -5.91
C LEU D 25 9.02 8.80 -6.61
N ALA D 26 9.98 8.06 -6.06
CA ALA D 26 11.30 7.95 -6.69
C ALA D 26 11.18 7.32 -8.08
N GLN D 27 10.31 6.33 -8.24
CA GLN D 27 10.16 5.71 -9.55
C GLN D 27 9.50 6.64 -10.54
N SER D 28 8.53 7.44 -10.09
CA SER D 28 7.81 8.33 -11.00
CA SER D 28 7.82 8.30 -11.03
C SER D 28 8.70 9.45 -11.51
N ILE D 29 9.69 9.87 -10.70
CA ILE D 29 10.62 10.92 -11.12
C ILE D 29 11.49 10.43 -12.27
N LYS D 30 11.88 9.16 -12.25
CA LYS D 30 12.58 8.60 -13.41
C LYS D 30 11.66 8.45 -14.61
N GLY D 31 10.34 8.48 -14.41
CA GLY D 31 9.38 8.34 -15.49
C GLY D 31 8.44 7.17 -15.26
C ACE E 1 -1.25 6.32 28.11
O ACE E 1 -0.25 6.99 27.80
CH3 ACE E 1 -1.29 4.83 27.97
N GLY E 2 -2.38 6.88 28.58
CA GLY E 2 -2.56 8.31 28.80
C GLY E 2 -2.48 9.18 27.56
N GLU E 3 -2.19 10.47 27.74
CA GLU E 3 -2.12 11.37 26.60
C GLU E 3 -0.92 11.10 25.69
N LEU E 4 0.14 10.47 26.20
CA LEU E 4 1.24 10.11 25.31
C LEU E 4 0.78 9.11 24.26
N ALA E 5 0.05 8.06 24.68
CA ALA E 5 -0.47 7.09 23.73
C ALA E 5 -1.43 7.73 22.73
N GLN E 6 -2.26 8.68 23.19
CA GLN E 6 -3.17 9.37 22.26
C GLN E 6 -2.41 10.18 21.22
N SER E 7 -1.32 10.86 21.63
CA SER E 7 -0.59 11.70 20.67
C SER E 7 0.13 10.85 19.63
N ILE E 8 0.60 9.67 20.02
CA ILE E 8 1.23 8.75 19.07
C ILE E 8 0.23 8.26 18.03
N LYS E 9 -1.01 7.96 18.47
CA LYS E 9 -2.06 7.58 17.52
C LYS E 9 -2.40 8.73 16.57
N GLU E 10 -2.44 9.97 17.06
CA GLU E 10 -2.66 11.11 16.14
C GLU E 10 -1.50 11.24 15.16
N LEU E 11 -0.26 11.10 15.63
CA LEU E 11 0.88 11.15 14.72
C LEU E 11 0.79 10.07 13.65
N ALA E 12 0.39 8.85 14.04
CA ALA E 12 0.27 7.76 13.07
C ALA E 12 -0.77 8.09 11.99
N LYS E 13 -1.92 8.65 12.39
CA LYS E 13 -2.93 9.04 11.41
C LYS E 13 -2.44 10.14 10.48
N SER E 14 -1.65 11.10 11.00
CA SER E 14 -1.14 12.18 10.16
CA SER E 14 -1.15 12.18 10.16
C SER E 14 -0.10 11.68 9.17
N ILE E 15 0.71 10.71 9.56
CA ILE E 15 1.69 10.11 8.65
C ILE E 15 0.98 9.35 7.52
N LYS E 16 -0.12 8.66 7.82
CA LYS E 16 -0.88 7.99 6.78
C LYS E 16 -1.42 8.99 5.77
N GLU E 17 -1.85 10.16 6.25
CA GLU E 17 -2.34 11.21 5.34
C GLU E 17 -1.21 11.69 4.42
N LEU E 18 -0.02 11.89 4.97
CA LEU E 18 1.14 12.25 4.16
C LEU E 18 1.48 11.15 3.14
N ALA E 19 1.48 9.88 3.55
CA ALA E 19 1.74 8.82 2.58
C ALA E 19 0.76 8.84 1.41
N TRP E 20 -0.53 9.07 1.68
CA TRP E 20 -1.49 9.12 0.58
C TRP E 20 -1.22 10.30 -0.36
N SER E 21 -0.86 11.45 0.20
CA SER E 21 -0.58 12.62 -0.64
CA SER E 21 -0.60 12.61 -0.66
C SER E 21 0.65 12.40 -1.51
N ILE E 22 1.65 11.69 -0.99
CA ILE E 22 2.86 11.41 -1.78
C ILE E 22 2.55 10.45 -2.91
N LYS E 23 1.66 9.47 -2.67
CA LYS E 23 1.21 8.58 -3.75
CA LYS E 23 1.22 8.57 -3.75
C LYS E 23 0.53 9.36 -4.86
N GLU E 24 -0.30 10.34 -4.51
CA GLU E 24 -0.97 11.15 -5.54
C GLU E 24 0.02 12.02 -6.29
N LEU E 25 0.99 12.59 -5.59
CA LEU E 25 2.03 13.38 -6.27
C LEU E 25 2.74 12.51 -7.30
N ALA E 26 3.14 11.29 -6.91
CA ALA E 26 3.83 10.40 -7.83
C ALA E 26 3.03 10.14 -9.11
N GLN E 27 1.72 9.87 -8.97
CA GLN E 27 0.90 9.63 -10.16
C GLN E 27 0.79 10.86 -11.04
N SER E 28 0.82 12.07 -10.45
CA SER E 28 0.72 13.28 -11.27
CA SER E 28 0.72 13.29 -11.26
C SER E 28 2.00 13.52 -12.06
N ILE E 29 3.16 13.20 -11.48
CA ILE E 29 4.42 13.33 -12.20
C ILE E 29 4.50 12.30 -13.32
N LYS E 30 3.90 11.12 -13.11
CA LYS E 30 3.91 10.05 -14.10
C LYS E 30 3.06 10.39 -15.32
N GLY E 31 1.91 11.02 -15.09
CA GLY E 31 0.93 11.21 -16.15
C GLY E 31 1.20 12.44 -17.00
C ACE F 1 2.56 14.33 28.79
O ACE F 1 3.70 14.39 28.32
CH3 ACE F 1 1.73 13.08 28.71
N GLY F 2 1.95 15.35 29.41
CA GLY F 2 2.56 16.65 29.62
C GLY F 2 3.09 17.39 28.40
N GLU F 3 4.27 17.98 28.58
CA GLU F 3 4.85 18.83 27.54
C GLU F 3 5.15 18.02 26.28
N LEU F 4 5.74 16.83 26.45
CA LEU F 4 6.14 16.05 25.28
C LEU F 4 4.93 15.59 24.46
N ALA F 5 3.85 15.18 25.13
CA ALA F 5 2.66 14.74 24.38
C ALA F 5 2.02 15.92 23.64
N GLN F 6 1.99 17.10 24.26
CA GLN F 6 1.43 18.25 23.56
CA GLN F 6 1.46 18.29 23.59
C GLN F 6 2.28 18.61 22.34
N SER F 7 3.61 18.54 22.46
CA SER F 7 4.48 18.80 21.30
C SER F 7 4.21 17.82 20.16
N ILE F 8 4.07 16.53 20.49
CA ILE F 8 3.85 15.53 19.45
C ILE F 8 2.53 15.79 18.73
N LYS F 9 1.52 16.22 19.47
CA LYS F 9 0.24 16.53 18.83
C LYS F 9 0.35 17.73 17.91
N GLU F 10 1.10 18.78 18.32
CA GLU F 10 1.29 19.93 17.43
C GLU F 10 2.04 19.54 16.16
N LEU F 11 3.06 18.70 16.28
CA LEU F 11 3.81 18.29 15.10
C LEU F 11 2.96 17.45 14.16
N ALA F 12 2.14 16.56 14.74
CA ALA F 12 1.19 15.80 13.94
C ALA F 12 0.25 16.71 13.16
N LYS F 13 -0.25 17.78 13.78
CA LYS F 13 -1.15 18.68 13.04
C LYS F 13 -0.41 19.36 11.88
N SER F 14 0.86 19.77 12.08
CA SER F 14 1.61 20.37 10.97
C SER F 14 1.82 19.40 9.82
N ILE F 15 2.11 18.14 10.15
CA ILE F 15 2.34 17.11 9.12
C ILE F 15 1.06 16.92 8.30
N LYS F 16 -0.08 16.82 8.99
CA LYS F 16 -1.37 16.72 8.34
CA LYS F 16 -1.37 16.72 8.34
C LYS F 16 -1.62 17.89 7.39
N GLU F 17 -1.33 19.12 7.83
CA GLU F 17 -1.59 20.27 6.97
C GLU F 17 -0.66 20.33 5.76
N LEU F 18 0.60 19.90 5.91
CA LEU F 18 1.52 19.81 4.77
C LEU F 18 1.07 18.72 3.78
N ALA F 19 0.53 17.60 4.29
CA ALA F 19 -0.04 16.60 3.40
C ALA F 19 -1.17 17.19 2.55
N TRP F 20 -2.07 17.97 3.16
CA TRP F 20 -3.14 18.59 2.37
C TRP F 20 -2.57 19.51 1.29
N SER F 21 -1.49 20.24 1.61
CA SER F 21 -0.88 21.15 0.64
C SER F 21 -0.21 20.38 -0.50
N ILE F 22 0.40 19.24 -0.20
CA ILE F 22 1.04 18.44 -1.25
C ILE F 22 -0.02 17.88 -2.22
N LYS F 23 -1.16 17.45 -1.67
CA LYS F 23 -2.26 16.96 -2.50
C LYS F 23 -2.79 18.04 -3.43
N GLU F 24 -2.90 19.29 -2.93
CA GLU F 24 -3.35 20.38 -3.80
C GLU F 24 -2.38 20.64 -4.95
N LEU F 25 -1.07 20.59 -4.66
CA LEU F 25 -0.07 20.75 -5.72
C LEU F 25 -0.13 19.60 -6.72
N ALA F 26 -0.33 18.37 -6.23
CA ALA F 26 -0.46 17.24 -7.14
C ALA F 26 -1.66 17.43 -8.07
N GLN F 27 -2.73 18.03 -7.55
CA GLN F 27 -3.93 18.22 -8.35
C GLN F 27 -3.70 19.23 -9.48
N SER F 28 -2.91 20.27 -9.23
CA SER F 28 -2.69 21.24 -10.30
C SER F 28 -1.60 20.81 -11.27
N ILE F 29 -0.67 19.95 -10.85
CA ILE F 29 0.28 19.35 -11.78
C ILE F 29 -0.46 18.46 -12.78
N LYS F 30 -1.50 17.77 -12.32
CA LYS F 30 -2.35 17.01 -13.24
C LYS F 30 -3.02 17.91 -14.28
N GLY F 31 -3.99 18.73 -13.87
CA GLY F 31 -4.70 19.57 -14.82
C GLY F 31 -5.86 18.86 -15.50
N GLY G 2 -7.84 -16.26 -8.28
CA GLY G 2 -7.23 -15.77 -7.05
C GLY G 2 -6.08 -14.81 -7.30
N GLU G 3 -5.95 -13.81 -6.43
CA GLU G 3 -4.92 -12.80 -6.61
C GLU G 3 -3.52 -13.36 -6.49
N LEU G 4 -3.34 -14.50 -5.81
CA LEU G 4 -2.01 -15.08 -5.72
C LEU G 4 -1.58 -15.66 -7.06
N ALA G 5 -2.51 -16.30 -7.78
CA ALA G 5 -2.18 -16.87 -9.08
C ALA G 5 -1.80 -15.79 -10.08
N GLN G 6 -2.46 -14.63 -10.00
CA GLN G 6 -2.17 -13.55 -10.94
C GLN G 6 -0.75 -13.00 -10.73
N SER G 7 -0.33 -12.84 -9.47
CA SER G 7 0.98 -12.27 -9.23
CA SER G 7 0.99 -12.28 -9.22
C SER G 7 2.11 -13.23 -9.60
N ILE G 8 1.90 -14.54 -9.43
CA ILE G 8 2.95 -15.48 -9.80
C ILE G 8 3.11 -15.51 -11.32
N LYS G 9 2.02 -15.34 -12.06
CA LYS G 9 2.13 -15.15 -13.51
C LYS G 9 2.86 -13.86 -13.83
N GLU G 10 2.52 -12.77 -13.13
CA GLU G 10 3.23 -11.51 -13.36
C GLU G 10 4.70 -11.61 -12.98
N LEU G 11 5.03 -12.41 -11.96
CA LEU G 11 6.42 -12.71 -11.64
C LEU G 11 7.10 -13.44 -12.80
N ALA G 12 6.46 -14.49 -13.31
CA ALA G 12 7.04 -15.26 -14.40
C ALA G 12 7.31 -14.40 -15.63
N LYS G 13 6.37 -13.51 -15.97
CA LYS G 13 6.59 -12.64 -17.13
C LYS G 13 7.79 -11.72 -16.92
N SER G 14 8.01 -11.25 -15.68
CA SER G 14 9.17 -10.39 -15.43
C SER G 14 10.48 -11.17 -15.50
N ILE G 15 10.50 -12.38 -14.94
CA ILE G 15 11.70 -13.20 -15.01
C ILE G 15 12.05 -13.53 -16.45
N LYS G 16 11.03 -13.77 -17.29
CA LYS G 16 11.30 -14.03 -18.70
C LYS G 16 11.90 -12.80 -19.38
N GLU G 17 11.39 -11.61 -19.04
CA GLU G 17 11.94 -10.39 -19.59
C GLU G 17 13.37 -10.15 -19.11
N LEU G 18 13.64 -10.43 -17.83
CA LEU G 18 15.01 -10.37 -17.31
C LEU G 18 15.93 -11.32 -18.06
N ALA G 19 15.48 -12.55 -18.31
CA ALA G 19 16.33 -13.55 -18.95
C ALA G 19 16.68 -13.14 -20.38
N TRP G 20 15.74 -12.50 -21.09
CA TRP G 20 16.03 -12.00 -22.43
C TRP G 20 17.12 -10.94 -22.40
N SER G 21 17.06 -10.04 -21.42
CA SER G 21 18.08 -9.00 -21.31
C SER G 21 19.45 -9.58 -21.00
N ILE G 22 19.52 -10.62 -20.14
CA ILE G 22 20.81 -11.22 -19.84
C ILE G 22 21.38 -11.91 -21.08
N LYS G 23 20.52 -12.63 -21.81
CA LYS G 23 20.96 -13.26 -23.06
C LYS G 23 21.55 -12.22 -24.01
N GLU G 24 20.82 -11.12 -24.22
CA GLU G 24 21.31 -10.05 -25.08
C GLU G 24 22.62 -9.48 -24.56
N LEU G 25 22.69 -9.22 -23.25
CA LEU G 25 23.96 -8.82 -22.65
C LEU G 25 25.07 -9.78 -23.05
N ALA G 26 24.85 -11.08 -22.82
CA ALA G 26 25.91 -12.07 -23.00
C ALA G 26 26.40 -12.09 -24.45
N GLN G 27 25.50 -11.88 -25.39
CA GLN G 27 25.90 -11.84 -26.80
C GLN G 27 26.80 -10.64 -27.10
N SER G 28 26.65 -9.54 -26.36
CA SER G 28 27.47 -8.38 -26.65
CA SER G 28 27.47 -8.36 -26.61
C SER G 28 28.89 -8.53 -26.07
N ILE G 29 29.04 -9.27 -24.96
CA ILE G 29 30.37 -9.59 -24.47
C ILE G 29 31.04 -10.61 -25.39
N LYS G 30 30.27 -11.62 -25.80
CA LYS G 30 30.72 -12.83 -26.51
C LYS G 30 31.80 -12.61 -27.56
N GLY H 2 -4.97 -11.46 11.07
CA GLY H 2 -4.88 -11.71 9.64
C GLY H 2 -3.53 -11.41 9.03
N GLU H 3 -2.72 -12.48 8.90
CA GLU H 3 -1.37 -12.38 8.38
C GLU H 3 -1.22 -12.87 6.94
N LEU H 4 -2.22 -13.57 6.39
CA LEU H 4 -2.13 -14.02 5.00
C LEU H 4 -2.47 -12.90 4.02
N ALA H 5 -3.44 -12.05 4.36
CA ALA H 5 -3.83 -10.94 3.49
C ALA H 5 -2.67 -9.98 3.27
N GLN H 6 -1.92 -9.66 4.33
CA GLN H 6 -0.82 -8.72 4.13
C GLN H 6 0.42 -9.39 3.54
N SER H 7 0.52 -10.71 3.62
CA SER H 7 1.60 -11.38 2.91
C SER H 7 1.37 -11.30 1.41
N ILE H 8 0.12 -11.43 0.97
CA ILE H 8 -0.21 -11.23 -0.44
C ILE H 8 0.00 -9.76 -0.83
N LYS H 9 -0.29 -8.83 0.08
CA LYS H 9 -0.09 -7.42 -0.20
C LYS H 9 1.39 -7.08 -0.35
N GLU H 10 2.24 -7.64 0.51
CA GLU H 10 3.67 -7.40 0.40
C GLU H 10 4.24 -8.07 -0.85
N LEU H 11 3.66 -9.18 -1.30
CA LEU H 11 4.10 -9.82 -2.52
C LEU H 11 3.85 -8.91 -3.72
N ALA H 12 2.68 -8.26 -3.76
CA ALA H 12 2.37 -7.36 -4.86
C ALA H 12 3.32 -6.17 -4.90
N LYS H 13 3.75 -5.67 -3.73
CA LYS H 13 4.68 -4.55 -3.71
C LYS H 13 6.05 -4.97 -4.26
N SER H 14 6.53 -6.14 -3.86
CA SER H 14 7.83 -6.61 -4.31
C SER H 14 7.86 -6.83 -5.81
N ILE H 15 6.75 -7.29 -6.40
CA ILE H 15 6.73 -7.55 -7.83
C ILE H 15 6.78 -6.24 -8.61
N LYS H 16 6.17 -5.19 -8.09
CA LYS H 16 6.31 -3.88 -8.74
C LYS H 16 7.74 -3.36 -8.65
N GLU H 17 8.38 -3.53 -7.49
CA GLU H 17 9.78 -3.16 -7.38
C GLU H 17 10.63 -3.92 -8.40
N LEU H 18 10.31 -5.20 -8.60
CA LEU H 18 11.04 -6.00 -9.57
C LEU H 18 10.88 -5.43 -10.98
N ALA H 19 9.68 -5.03 -11.36
CA ALA H 19 9.46 -4.49 -12.70
C ALA H 19 10.24 -3.19 -12.91
N TRP H 20 10.32 -2.35 -11.88
CA TRP H 20 11.07 -1.11 -12.01
C TRP H 20 12.55 -1.37 -12.28
N SER H 21 13.14 -2.35 -11.58
CA SER H 21 14.57 -2.59 -11.74
C SER H 21 14.88 -3.14 -13.13
N ILE H 22 13.96 -3.91 -13.70
CA ILE H 22 14.18 -4.51 -15.02
C ILE H 22 14.20 -3.41 -16.08
N LYS H 23 13.33 -2.42 -15.95
CA LYS H 23 13.38 -1.26 -16.84
C LYS H 23 14.71 -0.51 -16.74
N GLU H 24 15.28 -0.43 -15.53
CA GLU H 24 16.57 0.24 -15.42
C GLU H 24 17.66 -0.58 -16.08
N LEU H 25 17.63 -1.90 -15.89
CA LEU H 25 18.54 -2.79 -16.59
C LEU H 25 18.50 -2.58 -18.10
N ALA H 26 17.29 -2.61 -18.69
CA ALA H 26 17.18 -2.49 -20.14
C ALA H 26 17.76 -1.17 -20.63
N GLN H 27 17.55 -0.09 -19.88
CA GLN H 27 18.02 1.22 -20.30
C GLN H 27 19.54 1.31 -20.23
N SER H 28 20.16 0.70 -19.21
CA SER H 28 21.62 0.72 -19.13
C SER H 28 22.26 -0.07 -20.26
N ILE H 29 21.57 -1.10 -20.76
CA ILE H 29 22.12 -1.87 -21.87
C ILE H 29 22.03 -1.10 -23.19
N LYS H 30 20.99 -0.27 -23.36
CA LYS H 30 20.89 0.53 -24.57
C LYS H 30 22.02 1.55 -24.67
N GLY H 31 22.26 2.30 -23.59
CA GLY H 31 23.28 3.32 -23.61
C GLY H 31 24.70 2.79 -23.68
N GLY I 2 -1.52 -19.27 7.33
CA GLY I 2 -0.61 -19.92 8.25
C GLY I 2 0.77 -20.10 7.65
N GLU I 3 1.22 -21.35 7.53
CA GLU I 3 2.46 -21.59 6.83
C GLU I 3 2.37 -21.23 5.36
N LEU I 4 1.15 -21.13 4.79
CA LEU I 4 1.00 -20.56 3.46
C LEU I 4 1.38 -19.09 3.47
N ALA I 5 0.83 -18.32 4.42
CA ALA I 5 1.22 -16.93 4.58
C ALA I 5 2.73 -16.80 4.78
N GLN I 6 3.31 -17.68 5.60
CA GLN I 6 4.74 -17.57 5.90
C GLN I 6 5.61 -17.79 4.66
N SER I 7 5.23 -18.76 3.82
CA SER I 7 5.95 -18.96 2.58
C SER I 7 5.83 -17.73 1.68
N ILE I 8 4.65 -17.10 1.69
CA ILE I 8 4.44 -15.93 0.83
C ILE I 8 5.26 -14.75 1.33
N LYS I 9 5.34 -14.57 2.64
CA LYS I 9 6.19 -13.51 3.20
C LYS I 9 7.63 -13.68 2.75
N GLU I 10 8.13 -14.92 2.78
CA GLU I 10 9.51 -15.16 2.38
C GLU I 10 9.70 -15.01 0.89
N LEU I 11 8.68 -15.31 0.08
CA LEU I 11 8.78 -15.09 -1.35
C LEU I 11 8.95 -13.60 -1.66
N ALA I 12 8.08 -12.76 -1.07
CA ALA I 12 8.16 -11.32 -1.28
C ALA I 12 9.52 -10.77 -0.89
N LYS I 13 10.10 -11.29 0.20
CA LYS I 13 11.40 -10.80 0.65
C LYS I 13 12.52 -11.23 -0.30
N SER I 14 12.42 -12.43 -0.89
CA SER I 14 13.39 -12.85 -1.89
C SER I 14 13.28 -12.01 -3.17
N ILE I 15 12.06 -11.68 -3.59
CA ILE I 15 11.87 -10.84 -4.78
C ILE I 15 12.44 -9.45 -4.55
N LYS I 16 12.32 -8.91 -3.32
CA LYS I 16 12.92 -7.60 -3.05
C LYS I 16 14.44 -7.66 -3.18
N GLU I 17 15.05 -8.77 -2.76
CA GLU I 17 16.49 -8.94 -2.92
C GLU I 17 16.89 -9.07 -4.38
N LEU I 18 16.07 -9.75 -5.18
CA LEU I 18 16.36 -9.86 -6.61
C LEU I 18 16.34 -8.47 -7.26
N ALA I 19 15.32 -7.67 -6.94
CA ALA I 19 15.22 -6.32 -7.52
C ALA I 19 16.44 -5.47 -7.17
N TRP I 20 16.98 -5.62 -5.97
CA TRP I 20 18.16 -4.85 -5.60
C TRP I 20 19.39 -5.32 -6.38
N SER I 21 19.53 -6.63 -6.58
CA SER I 21 20.67 -7.14 -7.34
CA SER I 21 20.66 -7.15 -7.35
C SER I 21 20.62 -6.64 -8.79
N ILE I 22 19.43 -6.55 -9.37
CA ILE I 22 19.31 -6.10 -10.75
C ILE I 22 19.66 -4.62 -10.87
N LYS I 23 19.29 -3.80 -9.87
CA LYS I 23 19.74 -2.42 -9.87
C LYS I 23 21.26 -2.32 -9.81
N GLU I 24 21.90 -3.20 -9.03
CA GLU I 24 23.36 -3.21 -8.98
C GLU I 24 23.96 -3.60 -10.33
N LEU I 25 23.32 -4.55 -11.03
CA LEU I 25 23.78 -4.93 -12.36
C LEU I 25 23.66 -3.78 -13.34
N ALA I 26 22.53 -3.06 -13.30
CA ALA I 26 22.37 -1.89 -14.15
C ALA I 26 23.46 -0.84 -13.90
N GLN I 27 23.79 -0.60 -12.62
CA GLN I 27 24.81 0.40 -12.31
CA GLN I 27 24.80 0.39 -12.29
C GLN I 27 26.18 -0.03 -12.79
N SER I 28 26.49 -1.33 -12.70
CA SER I 28 27.78 -1.82 -13.19
CA SER I 28 27.78 -1.82 -13.19
C SER I 28 27.89 -1.66 -14.70
N ILE I 29 26.80 -1.91 -15.42
CA ILE I 29 26.84 -1.78 -16.88
C ILE I 29 26.98 -0.32 -17.29
N LYS I 30 26.17 0.56 -16.69
CA LYS I 30 26.21 1.98 -17.08
C LYS I 30 27.61 2.57 -16.87
N GLY I 31 28.28 2.18 -15.79
CA GLY I 31 29.58 2.75 -15.48
C GLY I 31 30.67 2.33 -16.43
C ACE J 1 0.56 -26.90 3.50
O ACE J 1 1.18 -26.61 4.52
CH3 ACE J 1 -0.56 -26.02 2.99
N GLY J 2 0.81 -28.03 2.86
CA GLY J 2 0.17 -28.50 1.63
C GLY J 2 1.15 -28.26 0.49
N GLU J 3 0.86 -28.82 -0.70
CA GLU J 3 1.82 -28.73 -1.79
C GLU J 3 1.91 -27.31 -2.37
N LEU J 4 0.84 -26.53 -2.29
CA LEU J 4 0.94 -25.13 -2.75
C LEU J 4 1.91 -24.34 -1.88
N ALA J 5 1.82 -24.48 -0.55
CA ALA J 5 2.68 -23.73 0.36
C ALA J 5 4.15 -24.01 0.09
N GLN J 6 4.56 -25.27 0.19
CA GLN J 6 5.98 -25.54 0.05
C GLN J 6 6.46 -25.51 -1.40
N SER J 7 5.55 -25.46 -2.38
CA SER J 7 5.97 -25.07 -3.72
C SER J 7 6.37 -23.60 -3.76
N ILE J 8 5.65 -22.76 -3.00
CA ILE J 8 6.03 -21.35 -2.90
C ILE J 8 7.38 -21.21 -2.20
N LYS J 9 7.69 -22.08 -1.24
CA LYS J 9 8.98 -22.00 -0.56
C LYS J 9 10.13 -22.44 -1.47
N GLU J 10 9.91 -23.45 -2.32
CA GLU J 10 10.93 -23.78 -3.31
C GLU J 10 11.13 -22.62 -4.29
N LEU J 11 10.04 -21.93 -4.63
CA LEU J 11 10.15 -20.75 -5.48
C LEU J 11 11.03 -19.68 -4.84
N ALA J 12 10.83 -19.43 -3.54
CA ALA J 12 11.61 -18.40 -2.87
C ALA J 12 13.09 -18.75 -2.82
N LYS J 13 13.40 -20.02 -2.57
CA LYS J 13 14.78 -20.48 -2.58
C LYS J 13 15.44 -20.24 -3.93
N SER J 14 14.74 -20.54 -5.02
CA SER J 14 15.31 -20.35 -6.35
CA SER J 14 15.30 -20.36 -6.36
C SER J 14 15.57 -18.88 -6.64
N ILE J 15 14.66 -17.99 -6.25
CA ILE J 15 14.84 -16.56 -6.51
C ILE J 15 16.02 -15.99 -5.72
N LYS J 16 16.25 -16.48 -4.49
CA LYS J 16 17.43 -16.01 -3.76
C LYS J 16 18.72 -16.49 -4.41
N GLU J 17 18.75 -17.71 -4.97
CA GLU J 17 19.90 -18.14 -5.75
C GLU J 17 20.11 -17.26 -6.97
N LEU J 18 19.02 -16.90 -7.66
CA LEU J 18 19.13 -16.02 -8.82
C LEU J 18 19.68 -14.66 -8.42
N ALA J 19 19.21 -14.13 -7.30
CA ALA J 19 19.67 -12.81 -6.86
C ALA J 19 21.17 -12.83 -6.55
N TRP J 20 21.66 -13.93 -5.99
CA TRP J 20 23.09 -14.04 -5.75
C TRP J 20 23.88 -14.13 -7.06
N SER J 21 23.41 -14.92 -8.02
CA SER J 21 24.13 -15.04 -9.30
CA SER J 21 24.13 -15.04 -9.28
C SER J 21 24.21 -13.70 -10.01
N ILE J 22 23.15 -12.90 -9.94
CA ILE J 22 23.14 -11.59 -10.57
C ILE J 22 24.11 -10.63 -9.85
N LYS J 23 24.25 -10.73 -8.52
CA LYS J 23 25.29 -9.95 -7.84
C LYS J 23 26.68 -10.34 -8.34
N GLU J 24 26.95 -11.64 -8.43
CA GLU J 24 28.24 -12.10 -8.97
C GLU J 24 28.48 -11.57 -10.38
N LEU J 25 27.44 -11.57 -11.23
CA LEU J 25 27.59 -11.01 -12.57
C LEU J 25 27.91 -9.52 -12.54
N ALA J 26 27.19 -8.76 -11.71
CA ALA J 26 27.46 -7.33 -11.60
C ALA J 26 28.91 -7.08 -11.21
N GLN J 27 29.44 -7.90 -10.30
CA GLN J 27 30.80 -7.71 -9.81
C GLN J 27 31.83 -8.07 -10.88
N SER J 28 31.56 -9.12 -11.67
CA SER J 28 32.50 -9.52 -12.73
CA SER J 28 32.50 -9.51 -12.72
C SER J 28 32.60 -8.43 -13.80
N ILE J 29 31.48 -7.77 -14.11
CA ILE J 29 31.51 -6.73 -15.14
C ILE J 29 32.23 -5.49 -14.64
N LYS J 30 32.07 -5.18 -13.35
CA LYS J 30 32.64 -3.96 -12.79
C LYS J 30 34.14 -4.09 -12.57
N GLY J 31 34.64 -5.30 -12.33
CA GLY J 31 36.06 -5.53 -12.17
C GLY J 31 36.78 -5.51 -13.50
C ACE K 1 -2.87 -27.83 -6.04
O ACE K 1 -2.67 -26.74 -6.59
CH3 ACE K 1 -2.44 -28.14 -4.65
N GLY K 2 -3.49 -28.83 -6.66
CA GLY K 2 -3.97 -28.69 -8.02
C GLY K 2 -2.81 -28.41 -8.94
N GLU K 3 -3.12 -27.82 -10.08
CA GLU K 3 -2.09 -27.55 -11.08
C GLU K 3 -1.44 -26.18 -10.91
N LEU K 4 -1.89 -25.36 -9.94
CA LEU K 4 -1.12 -24.16 -9.63
C LEU K 4 0.13 -24.50 -8.83
N ALA K 5 0.00 -25.40 -7.85
CA ALA K 5 1.18 -25.88 -7.13
C ALA K 5 2.17 -26.50 -8.10
N GLN K 6 1.69 -27.39 -8.98
CA GLN K 6 2.53 -27.95 -10.02
C GLN K 6 3.10 -26.86 -10.92
N SER K 7 2.34 -25.80 -11.17
CA SER K 7 2.87 -24.69 -11.95
CA SER K 7 2.87 -24.68 -11.95
C SER K 7 4.06 -24.03 -11.26
N ILE K 8 3.91 -23.76 -9.95
CA ILE K 8 4.97 -23.05 -9.22
C ILE K 8 6.24 -23.89 -9.16
N LYS K 9 6.09 -25.21 -9.06
CA LYS K 9 7.26 -26.07 -8.96
C LYS K 9 8.13 -25.98 -10.21
N GLU K 10 7.52 -25.98 -11.40
CA GLU K 10 8.34 -25.94 -12.60
C GLU K 10 8.91 -24.55 -12.89
N LEU K 11 8.19 -23.48 -12.52
CA LEU K 11 8.79 -22.15 -12.56
C LEU K 11 10.03 -22.08 -11.68
N ALA K 12 9.94 -22.60 -10.45
CA ALA K 12 11.08 -22.63 -9.55
C ALA K 12 12.26 -23.40 -10.14
N LYS K 13 11.99 -24.51 -10.84
CA LYS K 13 13.09 -25.28 -11.44
C LYS K 13 13.73 -24.53 -12.59
N SER K 14 12.93 -23.77 -13.36
CA SER K 14 13.49 -22.97 -14.45
C SER K 14 14.34 -21.83 -13.90
N ILE K 15 13.92 -21.25 -12.77
CA ILE K 15 14.66 -20.15 -12.15
C ILE K 15 15.96 -20.66 -11.53
N LYS K 16 15.92 -21.85 -10.93
CA LYS K 16 17.15 -22.48 -10.44
C LYS K 16 18.16 -22.67 -11.57
N GLU K 17 17.71 -23.15 -12.73
CA GLU K 17 18.65 -23.36 -13.84
C GLU K 17 19.12 -22.04 -14.39
N LEU K 18 18.24 -21.03 -14.45
CA LEU K 18 18.66 -19.69 -14.86
C LEU K 18 19.76 -19.16 -13.93
N ALA K 19 19.62 -19.37 -12.61
CA ALA K 19 20.63 -18.93 -11.66
C ALA K 19 21.97 -19.61 -11.94
N TRP K 20 21.97 -20.91 -12.20
CA TRP K 20 23.23 -21.60 -12.43
C TRP K 20 23.91 -21.10 -13.71
N SER K 21 23.14 -20.87 -14.78
CA SER K 21 23.73 -20.36 -16.02
C SER K 21 24.37 -18.99 -15.81
N ILE K 22 23.72 -18.12 -15.03
CA ILE K 22 24.26 -16.78 -14.82
C ILE K 22 25.52 -16.82 -13.95
N LYS K 23 25.57 -17.73 -12.98
CA LYS K 23 26.81 -17.95 -12.24
C LYS K 23 27.95 -18.37 -13.15
N GLU K 24 27.69 -19.27 -14.13
CA GLU K 24 28.73 -19.64 -15.07
C GLU K 24 29.09 -18.47 -16.00
N LEU K 25 28.12 -17.62 -16.33
CA LEU K 25 28.42 -16.45 -17.16
C LEU K 25 29.32 -15.47 -16.43
N ALA K 26 29.02 -15.19 -15.15
CA ALA K 26 29.87 -14.32 -14.35
C ALA K 26 31.30 -14.87 -14.26
N GLN K 27 31.44 -16.20 -14.11
CA GLN K 27 32.78 -16.76 -13.98
C GLN K 27 33.57 -16.60 -15.28
N SER K 28 32.91 -16.77 -16.42
CA SER K 28 33.64 -16.68 -17.68
C SER K 28 34.06 -15.24 -17.97
N ILE K 29 33.28 -14.26 -17.52
CA ILE K 29 33.66 -12.87 -17.72
C ILE K 29 34.82 -12.49 -16.81
N LYS K 30 34.77 -12.91 -15.55
CA LYS K 30 35.87 -12.57 -14.64
C LYS K 30 37.16 -13.24 -15.08
N GLY K 31 37.12 -14.54 -15.32
CA GLY K 31 38.27 -15.26 -15.86
C GLY K 31 38.49 -14.95 -17.32
N GLY L 2 -5.84 -22.85 -13.09
CA GLY L 2 -6.65 -23.18 -14.24
C GLY L 2 -5.97 -22.79 -15.55
N GLU L 3 -6.55 -21.82 -16.26
CA GLU L 3 -5.89 -21.29 -17.45
C GLU L 3 -4.64 -20.51 -17.05
N LEU L 4 -4.64 -19.88 -15.88
CA LEU L 4 -3.45 -19.18 -15.40
C LEU L 4 -2.30 -20.16 -15.18
N ALA L 5 -2.58 -21.34 -14.63
CA ALA L 5 -1.52 -22.29 -14.34
C ALA L 5 -0.81 -22.72 -15.62
N GLN L 6 -1.56 -22.95 -16.70
CA GLN L 6 -0.91 -23.28 -17.98
C GLN L 6 -0.06 -22.13 -18.48
N SER L 7 -0.53 -20.88 -18.30
CA SER L 7 0.26 -19.73 -18.68
C SER L 7 1.60 -19.72 -17.93
N ILE L 8 1.56 -20.09 -16.65
CA ILE L 8 2.80 -20.09 -15.87
C ILE L 8 3.76 -21.15 -16.39
N LYS L 9 3.24 -22.28 -16.88
CA LYS L 9 4.13 -23.35 -17.33
C LYS L 9 4.79 -23.03 -18.66
N GLU L 10 4.06 -22.40 -19.59
CA GLU L 10 4.71 -21.97 -20.83
C GLU L 10 5.76 -20.90 -20.60
N LEU L 11 5.52 -19.99 -19.64
CA LEU L 11 6.57 -19.04 -19.29
C LEU L 11 7.76 -19.74 -18.64
N ALA L 12 7.49 -20.70 -17.75
CA ALA L 12 8.59 -21.46 -17.15
C ALA L 12 9.41 -22.17 -18.22
N LYS L 13 8.75 -22.69 -19.26
CA LYS L 13 9.48 -23.36 -20.32
C LYS L 13 10.32 -22.38 -21.13
N SER L 14 9.76 -21.20 -21.46
CA SER L 14 10.55 -20.15 -22.09
C SER L 14 11.75 -19.74 -21.23
N ILE L 15 11.56 -19.63 -19.91
CA ILE L 15 12.66 -19.22 -19.03
C ILE L 15 13.77 -20.26 -19.06
N LYS L 16 13.43 -21.53 -18.98
CA LYS L 16 14.48 -22.55 -19.00
C LYS L 16 15.22 -22.56 -20.33
N GLU L 17 14.51 -22.34 -21.43
CA GLU L 17 15.17 -22.29 -22.74
C GLU L 17 16.23 -21.19 -22.80
N LEU L 18 15.93 -20.00 -22.27
CA LEU L 18 16.92 -18.92 -22.24
C LEU L 18 18.09 -19.26 -21.31
N ALA L 19 17.83 -20.01 -20.24
CA ALA L 19 18.92 -20.45 -19.37
C ALA L 19 19.88 -21.37 -20.13
N TRP L 20 19.36 -22.25 -20.98
CA TRP L 20 20.25 -23.09 -21.76
C TRP L 20 21.04 -22.25 -22.78
N SER L 21 20.40 -21.24 -23.39
CA SER L 21 21.11 -20.32 -24.29
C SER L 21 22.27 -19.63 -23.58
N ILE L 22 22.02 -19.13 -22.36
CA ILE L 22 23.04 -18.41 -21.62
C ILE L 22 24.20 -19.33 -21.23
N LYS L 23 23.90 -20.59 -20.88
CA LYS L 23 24.94 -21.57 -20.62
C LYS L 23 25.92 -21.70 -21.79
N GLU L 24 25.39 -21.77 -23.02
CA GLU L 24 26.26 -21.93 -24.18
C GLU L 24 27.10 -20.67 -24.41
N LEU L 25 26.50 -19.49 -24.29
CA LEU L 25 27.26 -18.26 -24.47
C LEU L 25 28.35 -18.11 -23.42
N ALA L 26 28.09 -18.55 -22.18
CA ALA L 26 29.11 -18.47 -21.12
C ALA L 26 30.33 -19.32 -21.48
N GLN L 27 30.13 -20.54 -21.98
CA GLN L 27 31.27 -21.36 -22.36
C GLN L 27 32.01 -20.78 -23.56
N SER L 28 31.29 -20.15 -24.49
CA SER L 28 31.94 -19.52 -25.64
C SER L 28 32.81 -18.34 -25.21
N ILE L 29 32.31 -17.49 -24.32
CA ILE L 29 33.10 -16.39 -23.79
C ILE L 29 34.34 -16.93 -23.10
N LYS L 30 34.19 -18.01 -22.33
CA LYS L 30 35.32 -18.66 -21.68
C LYS L 30 36.27 -19.23 -22.73
N GLY L 31 35.74 -20.03 -23.66
CA GLY L 31 36.53 -20.62 -24.73
C GLY L 31 37.15 -21.94 -24.35
C ACE M 1 -21.79 -17.64 3.71
O ACE M 1 -22.79 -16.96 3.49
CH3 ACE M 1 -21.23 -17.72 5.10
N GLY M 2 -21.14 -18.34 2.75
CA GLY M 2 -21.52 -18.40 1.35
C GLY M 2 -21.75 -17.08 0.62
N GLU M 3 -22.81 -17.01 -0.19
CA GLU M 3 -23.07 -15.76 -0.92
C GLU M 3 -23.49 -14.63 0.01
N LEU M 4 -24.07 -14.94 1.17
CA LEU M 4 -24.34 -13.87 2.12
C LEU M 4 -23.03 -13.22 2.59
N ALA M 5 -22.07 -14.04 3.03
CA ALA M 5 -20.81 -13.48 3.49
C ALA M 5 -20.06 -12.80 2.35
N GLN M 6 -20.15 -13.37 1.14
CA GLN M 6 -19.48 -12.73 0.01
C GLN M 6 -20.10 -11.38 -0.30
N SER M 7 -21.43 -11.24 -0.13
CA SER M 7 -22.07 -9.96 -0.38
C SER M 7 -21.67 -8.91 0.65
N ILE M 8 -21.54 -9.31 1.91
CA ILE M 8 -21.15 -8.34 2.94
CA ILE M 8 -21.17 -8.32 2.91
C ILE M 8 -19.77 -7.78 2.64
N LYS M 9 -18.86 -8.64 2.15
CA LYS M 9 -17.54 -8.17 1.77
C LYS M 9 -17.62 -7.20 0.59
N GLU M 10 -18.45 -7.51 -0.40
CA GLU M 10 -18.62 -6.62 -1.54
C GLU M 10 -19.22 -5.28 -1.12
N LEU M 11 -20.16 -5.32 -0.17
CA LEU M 11 -20.70 -4.08 0.38
C LEU M 11 -19.61 -3.27 1.06
N ALA M 12 -18.76 -3.93 1.85
CA ALA M 12 -17.71 -3.23 2.59
C ALA M 12 -16.70 -2.57 1.64
N LYS M 13 -16.36 -3.26 0.54
CA LYS M 13 -15.50 -2.66 -0.49
C LYS M 13 -16.14 -1.40 -1.07
N SER M 14 -17.45 -1.43 -1.31
CA SER M 14 -18.13 -0.26 -1.90
C SER M 14 -18.22 0.91 -0.94
N ILE M 15 -18.48 0.65 0.35
CA ILE M 15 -18.49 1.73 1.34
C ILE M 15 -17.11 2.38 1.42
N LYS M 16 -16.04 1.59 1.27
CA LYS M 16 -14.71 2.18 1.33
C LYS M 16 -14.46 3.07 0.12
N GLU M 17 -14.90 2.65 -1.08
CA GLU M 17 -14.73 3.53 -2.24
C GLU M 17 -15.63 4.77 -2.13
N LEU M 18 -16.84 4.63 -1.55
CA LEU M 18 -17.65 5.81 -1.23
C LEU M 18 -16.88 6.79 -0.35
N ALA M 19 -16.28 6.30 0.74
CA ALA M 19 -15.56 7.20 1.65
C ALA M 19 -14.39 7.88 0.94
N TRP M 20 -13.65 7.15 0.10
CA TRP M 20 -12.56 7.81 -0.64
C TRP M 20 -13.10 8.97 -1.47
N SER M 21 -14.28 8.79 -2.09
CA SER M 21 -14.86 9.84 -2.92
C SER M 21 -15.29 11.05 -2.11
N ILE M 22 -15.94 10.82 -0.95
CA ILE M 22 -16.31 11.94 -0.07
C ILE M 22 -15.05 12.68 0.40
N LYS M 23 -13.97 11.95 0.62
CA LYS M 23 -12.71 12.55 1.06
C LYS M 23 -12.13 13.46 -0.01
N GLU M 24 -12.10 13.00 -1.26
CA GLU M 24 -11.62 13.86 -2.34
C GLU M 24 -12.52 15.08 -2.48
N LEU M 25 -13.83 14.91 -2.33
CA LEU M 25 -14.74 16.05 -2.39
C LEU M 25 -14.45 17.07 -1.30
N ALA M 26 -14.26 16.61 -0.06
CA ALA M 26 -13.97 17.52 1.04
C ALA M 26 -12.65 18.25 0.80
N GLN M 27 -11.65 17.57 0.22
CA GLN M 27 -10.37 18.24 0.01
C GLN M 27 -10.44 19.26 -1.11
N SER M 28 -11.25 19.02 -2.14
CA SER M 28 -11.39 20.04 -3.17
C SER M 28 -12.15 21.26 -2.67
N ILE M 29 -13.17 21.05 -1.82
CA ILE M 29 -13.86 22.17 -1.19
C ILE M 29 -12.89 22.94 -0.29
N LYS M 30 -12.07 22.24 0.49
CA LYS M 30 -11.13 22.93 1.38
C LYS M 30 -9.97 23.57 0.62
N GLY M 31 -9.57 22.99 -0.50
CA GLY M 31 -8.44 23.50 -1.26
C GLY M 31 -8.83 24.21 -2.54
C ACE N 1 -35.34 -21.05 -0.43
O ACE N 1 -34.52 -21.81 -0.97
CH3 ACE N 1 -34.99 -20.37 0.86
N GLY N 2 -36.55 -20.77 -0.96
CA GLY N 2 -37.60 -19.94 -0.39
C GLY N 2 -37.27 -18.49 -0.04
N GLU N 3 -37.73 -18.05 1.13
CA GLU N 3 -37.59 -16.64 1.52
C GLU N 3 -36.14 -16.28 1.84
N LEU N 4 -35.38 -17.19 2.46
CA LEU N 4 -33.98 -16.86 2.74
C LEU N 4 -33.20 -16.67 1.44
N ALA N 5 -33.36 -17.59 0.48
CA ALA N 5 -32.64 -17.45 -0.79
C ALA N 5 -33.07 -16.21 -1.54
N GLN N 6 -34.38 -15.91 -1.51
CA GLN N 6 -34.86 -14.70 -2.18
C GLN N 6 -34.26 -13.43 -1.56
N SER N 7 -34.17 -13.36 -0.23
CA SER N 7 -33.59 -12.17 0.40
C SER N 7 -32.11 -12.01 0.03
N ILE N 8 -31.37 -13.12 -0.09
CA ILE N 8 -29.96 -12.98 -0.46
C ILE N 8 -29.83 -12.48 -1.90
N LYS N 9 -30.75 -12.88 -2.78
CA LYS N 9 -30.74 -12.36 -4.15
C LYS N 9 -31.11 -10.88 -4.20
N GLU N 10 -32.06 -10.45 -3.37
CA GLU N 10 -32.34 -9.02 -3.31
C GLU N 10 -31.14 -8.24 -2.78
N LEU N 11 -30.43 -8.79 -1.78
CA LEU N 11 -29.24 -8.14 -1.25
C LEU N 11 -28.19 -7.95 -2.34
N ALA N 12 -27.95 -8.98 -3.14
CA ALA N 12 -26.95 -8.89 -4.20
C ALA N 12 -27.33 -7.83 -5.23
N LYS N 13 -28.62 -7.69 -5.56
CA LYS N 13 -29.04 -6.66 -6.50
C LYS N 13 -28.81 -5.26 -5.93
N SER N 14 -29.14 -5.05 -4.65
CA SER N 14 -28.96 -3.73 -4.06
C SER N 14 -27.51 -3.32 -4.05
N ILE N 15 -26.60 -4.28 -3.89
CA ILE N 15 -25.19 -3.96 -3.86
C ILE N 15 -24.68 -3.60 -5.26
N LYS N 16 -25.30 -4.18 -6.30
CA LYS N 16 -24.98 -3.75 -7.67
C LYS N 16 -25.44 -2.31 -7.91
N GLU N 17 -26.65 -1.94 -7.47
CA GLU N 17 -27.11 -0.56 -7.63
C GLU N 17 -26.23 0.42 -6.86
N LEU N 18 -25.77 0.02 -5.69
CA LEU N 18 -24.88 0.86 -4.90
C LEU N 18 -23.58 1.14 -5.67
N ALA N 19 -22.97 0.08 -6.23
CA ALA N 19 -21.74 0.28 -7.00
C ALA N 19 -21.99 1.20 -8.19
N TRP N 20 -23.16 1.10 -8.83
CA TRP N 20 -23.44 1.99 -9.96
C TRP N 20 -23.50 3.44 -9.52
N SER N 21 -24.12 3.71 -8.36
CA SER N 21 -24.26 5.10 -7.93
C SER N 21 -22.90 5.69 -7.54
N ILE N 22 -22.00 4.85 -7.02
CA ILE N 22 -20.67 5.33 -6.67
C ILE N 22 -19.87 5.69 -7.92
N LYS N 23 -20.09 4.96 -9.02
CA LYS N 23 -19.45 5.34 -10.28
C LYS N 23 -19.96 6.69 -10.78
N GLU N 24 -21.26 6.95 -10.60
CA GLU N 24 -21.82 8.25 -10.98
C GLU N 24 -21.23 9.36 -10.12
N LEU N 25 -21.06 9.10 -8.81
CA LEU N 25 -20.52 10.12 -7.93
C LEU N 25 -19.09 10.47 -8.30
N ALA N 26 -18.26 9.46 -8.58
CA ALA N 26 -16.89 9.72 -8.98
C ALA N 26 -16.83 10.57 -10.25
N GLN N 27 -17.73 10.31 -11.20
CA GLN N 27 -17.73 11.12 -12.41
C GLN N 27 -18.05 12.58 -12.10
N SER N 28 -18.99 12.82 -11.17
CA SER N 28 -19.37 14.19 -10.86
C SER N 28 -18.21 14.96 -10.23
N ILE N 29 -17.36 14.28 -9.46
CA ILE N 29 -16.30 14.98 -8.75
C ILE N 29 -15.18 15.39 -9.71
N LYS N 30 -15.00 14.66 -10.81
CA LYS N 30 -13.86 14.94 -11.70
C LYS N 30 -14.15 16.12 -12.64
C ACE O 1 -40.12 -15.03 9.45
O ACE O 1 -41.05 -14.71 8.73
CH3 ACE O 1 -40.22 -14.89 10.94
N GLY O 2 -38.99 -15.58 8.99
CA GLY O 2 -37.88 -15.96 9.85
C GLY O 2 -37.04 -14.72 10.14
N GLU O 3 -36.45 -14.65 11.33
CA GLU O 3 -35.71 -13.45 11.69
C GLU O 3 -34.47 -13.24 10.82
N LEU O 4 -33.81 -14.31 10.38
CA LEU O 4 -32.63 -14.09 9.55
C LEU O 4 -33.00 -13.49 8.20
N ALA O 5 -33.99 -14.09 7.51
CA ALA O 5 -34.40 -13.55 6.21
C ALA O 5 -34.95 -12.13 6.36
N GLN O 6 -35.69 -11.86 7.43
CA GLN O 6 -36.20 -10.50 7.68
C GLN O 6 -35.07 -9.49 7.80
N SER O 7 -34.02 -9.81 8.57
CA SER O 7 -32.92 -8.86 8.71
C SER O 7 -32.20 -8.61 7.39
N ILE O 8 -32.07 -9.65 6.56
CA ILE O 8 -31.40 -9.47 5.26
C ILE O 8 -32.23 -8.60 4.32
N LYS O 9 -33.57 -8.77 4.35
CA LYS O 9 -34.44 -7.91 3.54
C LYS O 9 -34.34 -6.46 3.99
N GLU O 10 -34.26 -6.23 5.30
CA GLU O 10 -34.09 -4.86 5.79
C GLU O 10 -32.74 -4.28 5.38
N LEU O 11 -31.68 -5.10 5.40
CA LEU O 11 -30.38 -4.63 4.92
C LEU O 11 -30.43 -4.23 3.45
N ALA O 12 -31.06 -5.06 2.60
CA ALA O 12 -31.23 -4.72 1.18
C ALA O 12 -31.98 -3.41 0.99
N LYS O 13 -33.05 -3.19 1.75
CA LYS O 13 -33.80 -1.95 1.61
C LYS O 13 -32.95 -0.73 2.00
N SER O 14 -32.13 -0.85 3.06
CA SER O 14 -31.32 0.29 3.47
CA SER O 14 -31.32 0.29 3.47
C SER O 14 -30.26 0.62 2.42
N ILE O 15 -29.70 -0.39 1.77
CA ILE O 15 -28.70 -0.18 0.74
C ILE O 15 -29.29 0.51 -0.50
N LYS O 16 -30.54 0.16 -0.88
CA LYS O 16 -31.17 0.85 -2.00
C LYS O 16 -31.40 2.32 -1.69
N GLU O 17 -31.82 2.63 -0.45
CA GLU O 17 -31.94 4.03 -0.02
C GLU O 17 -30.60 4.74 -0.09
N LEU O 18 -29.54 4.09 0.36
CA LEU O 18 -28.20 4.68 0.26
C LEU O 18 -27.82 4.96 -1.19
N ALA O 19 -28.06 4.01 -2.11
CA ALA O 19 -27.75 4.25 -3.51
C ALA O 19 -28.51 5.47 -4.05
N TRP O 20 -29.78 5.63 -3.65
CA TRP O 20 -30.56 6.79 -4.09
CA TRP O 20 -30.55 6.78 -4.10
C TRP O 20 -29.97 8.10 -3.56
N SER O 21 -29.52 8.12 -2.30
CA SER O 21 -28.96 9.34 -1.74
CA SER O 21 -28.96 9.35 -1.76
C SER O 21 -27.65 9.71 -2.43
N ILE O 22 -26.86 8.72 -2.85
CA ILE O 22 -25.61 8.99 -3.55
C ILE O 22 -25.88 9.57 -4.94
N LYS O 23 -26.91 9.07 -5.63
CA LYS O 23 -27.35 9.67 -6.89
C LYS O 23 -27.72 11.14 -6.68
N GLU O 24 -28.43 11.45 -5.60
CA GLU O 24 -28.80 12.84 -5.33
C GLU O 24 -27.58 13.69 -5.06
N LEU O 25 -26.59 13.14 -4.34
CA LEU O 25 -25.38 13.91 -4.09
C LEU O 25 -24.62 14.19 -5.40
N ALA O 26 -24.47 13.17 -6.25
CA ALA O 26 -23.80 13.40 -7.54
C ALA O 26 -24.48 14.50 -8.33
N GLN O 27 -25.82 14.51 -8.30
CA GLN O 27 -26.54 15.53 -9.07
C GLN O 27 -26.31 16.94 -8.50
N SER O 28 -26.22 17.09 -7.17
CA SER O 28 -25.99 18.41 -6.59
CA SER O 28 -25.99 18.41 -6.61
C SER O 28 -24.61 18.95 -6.96
N ILE O 29 -23.60 18.06 -6.99
CA ILE O 29 -22.24 18.45 -7.36
C ILE O 29 -22.20 18.92 -8.80
N LYS O 30 -22.88 18.20 -9.69
CA LYS O 30 -22.92 18.59 -11.09
C LYS O 30 -23.65 19.92 -11.27
N GLY O 31 -24.85 20.04 -10.71
CA GLY O 31 -25.60 21.27 -10.77
C GLY O 31 -25.10 22.30 -9.77
N GLY P 2 -30.72 -14.81 16.83
CA GLY P 2 -29.34 -15.22 16.97
C GLY P 2 -28.34 -14.12 16.73
N GLU P 3 -27.05 -14.43 16.97
CA GLU P 3 -25.99 -13.46 16.76
C GLU P 3 -26.00 -12.88 15.35
N LEU P 4 -26.10 -13.75 14.33
CA LEU P 4 -25.96 -13.30 12.94
C LEU P 4 -27.05 -12.31 12.56
N ALA P 5 -28.31 -12.68 12.80
CA ALA P 5 -29.42 -11.80 12.46
C ALA P 5 -29.35 -10.48 13.24
N GLN P 6 -29.00 -10.55 14.53
CA GLN P 6 -28.86 -9.33 15.31
C GLN P 6 -27.80 -8.41 14.72
N SER P 7 -26.67 -8.97 14.27
CA SER P 7 -25.61 -8.14 13.70
C SER P 7 -26.04 -7.50 12.37
N ILE P 8 -26.85 -8.22 11.60
CA ILE P 8 -27.30 -7.69 10.30
C ILE P 8 -28.32 -6.56 10.48
N LYS P 9 -29.17 -6.65 11.52
CA LYS P 9 -30.07 -5.54 11.86
C LYS P 9 -29.30 -4.28 12.25
N GLU P 10 -28.22 -4.43 13.03
CA GLU P 10 -27.48 -3.22 13.41
C GLU P 10 -26.68 -2.66 12.22
N LEU P 11 -26.25 -3.51 11.29
CA LEU P 11 -25.66 -2.99 10.06
C LEU P 11 -26.68 -2.22 9.21
N ALA P 12 -27.91 -2.74 9.11
CA ALA P 12 -28.93 -2.01 8.37
C ALA P 12 -29.21 -0.65 9.00
N LYS P 13 -29.21 -0.60 10.33
CA LYS P 13 -29.41 0.66 11.03
C LYS P 13 -28.32 1.68 10.67
N SER P 14 -27.06 1.24 10.63
CA SER P 14 -25.97 2.16 10.32
CA SER P 14 -25.98 2.16 10.33
C SER P 14 -26.05 2.66 8.87
N ILE P 15 -26.46 1.80 7.94
CA ILE P 15 -26.59 2.21 6.54
CA ILE P 15 -26.55 2.25 6.56
C ILE P 15 -27.69 3.26 6.38
N LYS P 16 -28.80 3.10 7.10
CA LYS P 16 -29.85 4.13 7.06
C LYS P 16 -29.33 5.47 7.56
N GLU P 17 -28.52 5.46 8.63
CA GLU P 17 -27.99 6.72 9.13
C GLU P 17 -27.01 7.33 8.14
N LEU P 18 -26.18 6.48 7.49
CA LEU P 18 -25.29 7.00 6.45
C LEU P 18 -26.09 7.65 5.31
N ALA P 19 -27.17 6.98 4.87
CA ALA P 19 -27.98 7.54 3.79
C ALA P 19 -28.55 8.89 4.16
N TRP P 20 -28.93 9.08 5.43
CA TRP P 20 -29.47 10.37 5.87
C TRP P 20 -28.38 11.44 5.82
N SER P 21 -27.17 11.13 6.31
CA SER P 21 -26.09 12.11 6.27
CA SER P 21 -26.09 12.11 6.28
C SER P 21 -25.74 12.50 4.84
N ILE P 22 -25.80 11.56 3.91
CA ILE P 22 -25.52 11.88 2.51
C ILE P 22 -26.58 12.84 1.95
N LYS P 23 -27.86 12.62 2.30
CA LYS P 23 -28.90 13.55 1.86
C LYS P 23 -28.65 14.96 2.41
N GLU P 24 -28.24 15.05 3.68
CA GLU P 24 -27.94 16.34 4.28
C GLU P 24 -26.77 17.03 3.58
N LEU P 25 -25.75 16.26 3.19
CA LEU P 25 -24.62 16.83 2.47
C LEU P 25 -25.03 17.33 1.09
N ALA P 26 -25.87 16.55 0.40
CA ALA P 26 -26.39 16.99 -0.89
C ALA P 26 -27.12 18.32 -0.76
N GLN P 27 -27.91 18.48 0.31
CA GLN P 27 -28.67 19.70 0.46
C GLN P 27 -27.77 20.89 0.80
N SER P 28 -26.73 20.68 1.62
CA SER P 28 -25.80 21.77 1.92
CA SER P 28 -25.80 21.77 1.92
C SER P 28 -25.09 22.24 0.66
N ILE P 29 -24.72 21.30 -0.22
CA ILE P 29 -24.06 21.68 -1.47
C ILE P 29 -25.02 22.47 -2.37
N LYS P 30 -26.30 22.12 -2.38
CA LYS P 30 -27.26 22.85 -3.21
C LYS P 30 -27.43 24.29 -2.73
N GLY P 31 -27.51 24.49 -1.41
CA GLY P 31 -27.70 25.82 -0.87
C GLY P 31 -26.42 26.64 -0.83
N GLY Q 2 -20.31 -16.42 15.86
CA GLY Q 2 -19.09 -16.69 15.13
C GLY Q 2 -18.36 -15.44 14.66
N GLU Q 3 -17.31 -15.64 13.86
CA GLU Q 3 -16.50 -14.53 13.39
C GLU Q 3 -17.15 -13.74 12.26
N LEU Q 4 -18.06 -14.36 11.50
CA LEU Q 4 -18.83 -13.57 10.53
C LEU Q 4 -19.66 -12.51 11.25
N ALA Q 5 -20.44 -12.93 12.25
CA ALA Q 5 -21.26 -11.98 13.00
C ALA Q 5 -20.40 -10.87 13.63
N GLN Q 6 -19.24 -11.22 14.18
CA GLN Q 6 -18.39 -10.23 14.80
CA GLN Q 6 -18.37 -10.23 14.80
C GLN Q 6 -17.84 -9.24 13.77
N SER Q 7 -17.50 -9.72 12.57
CA SER Q 7 -17.00 -8.81 11.54
C SER Q 7 -18.09 -7.86 11.05
N ILE Q 8 -19.35 -8.32 11.04
CA ILE Q 8 -20.49 -7.46 10.69
C ILE Q 8 -20.67 -6.39 11.75
N LYS Q 9 -20.49 -6.77 13.02
CA LYS Q 9 -20.52 -5.83 14.13
C LYS Q 9 -19.52 -4.70 13.94
N GLU Q 10 -18.31 -5.04 13.52
CA GLU Q 10 -17.30 -4.00 13.36
C GLU Q 10 -17.57 -3.16 12.13
N LEU Q 11 -18.12 -3.74 11.06
CA LEU Q 11 -18.46 -2.94 9.89
C LEU Q 11 -19.56 -1.93 10.24
N ALA Q 12 -20.56 -2.36 11.01
CA ALA Q 12 -21.64 -1.46 11.42
C ALA Q 12 -21.11 -0.26 12.21
N LYS Q 13 -20.19 -0.47 13.15
CA LYS Q 13 -19.70 0.66 13.94
C LYS Q 13 -18.86 1.61 13.09
N SER Q 14 -18.08 1.07 12.13
CA SER Q 14 -17.31 1.92 11.22
CA SER Q 14 -17.31 1.93 11.23
C SER Q 14 -18.23 2.80 10.38
N ILE Q 15 -19.36 2.27 9.94
CA ILE Q 15 -20.28 3.02 9.09
C ILE Q 15 -20.96 4.12 9.89
N LYS Q 16 -21.31 3.82 11.15
CA LYS Q 16 -21.81 4.84 12.05
C LYS Q 16 -20.87 6.04 12.14
N GLU Q 17 -19.56 5.78 12.31
CA GLU Q 17 -18.62 6.89 12.46
C GLU Q 17 -18.46 7.65 11.14
N LEU Q 18 -18.53 6.94 10.02
CA LEU Q 18 -18.53 7.60 8.72
C LEU Q 18 -19.75 8.51 8.56
N ALA Q 19 -20.91 8.06 9.03
CA ALA Q 19 -22.11 8.90 8.96
C ALA Q 19 -21.96 10.16 9.81
N TRP Q 20 -21.32 10.03 10.97
CA TRP Q 20 -21.12 11.21 11.79
C TRP Q 20 -20.19 12.21 11.09
N SER Q 21 -19.09 11.73 10.51
CA SER Q 21 -18.15 12.63 9.84
CA SER Q 21 -18.15 12.63 9.84
C SER Q 21 -18.81 13.35 8.67
N ILE Q 22 -19.67 12.66 7.94
CA ILE Q 22 -20.33 13.30 6.79
C ILE Q 22 -21.36 14.32 7.26
N LYS Q 23 -22.07 14.03 8.35
CA LYS Q 23 -22.95 15.02 8.95
C LYS Q 23 -22.18 16.30 9.33
N GLU Q 24 -20.97 16.14 9.87
CA GLU Q 24 -20.17 17.31 10.24
C GLU Q 24 -19.70 18.08 9.02
N LEU Q 25 -19.33 17.37 7.94
CA LEU Q 25 -18.97 18.02 6.69
C LEU Q 25 -20.14 18.85 6.17
N ALA Q 26 -21.35 18.27 6.18
CA ALA Q 26 -22.53 19.01 5.70
C ALA Q 26 -22.77 20.27 6.52
N GLN Q 27 -22.53 20.20 7.84
CA GLN Q 27 -22.72 21.38 8.66
C GLN Q 27 -21.65 22.43 8.39
N SER Q 28 -20.41 22.00 8.14
CA SER Q 28 -19.36 22.99 7.89
C SER Q 28 -19.54 23.70 6.55
N ILE Q 29 -20.19 23.03 5.59
CA ILE Q 29 -20.49 23.64 4.30
C ILE Q 29 -21.68 24.57 4.40
N LYS Q 30 -22.74 24.15 5.10
CA LYS Q 30 -23.94 24.96 5.26
C LYS Q 30 -23.62 26.35 5.80
N GLY Q 31 -22.73 26.43 6.79
CA GLY Q 31 -22.41 27.70 7.42
C GLY Q 31 -23.41 28.11 8.47
N GLY R 2 -14.51 -16.88 7.73
CA GLY R 2 -13.18 -17.47 7.79
C GLY R 2 -12.11 -16.42 7.53
N GLU R 3 -11.50 -16.45 6.35
CA GLU R 3 -10.76 -15.29 5.90
C GLU R 3 -11.66 -14.26 5.22
N LEU R 4 -12.85 -14.68 4.78
CA LEU R 4 -13.84 -13.71 4.35
C LEU R 4 -14.22 -12.78 5.50
N ALA R 5 -14.34 -13.33 6.71
CA ALA R 5 -14.62 -12.50 7.89
C ALA R 5 -13.44 -11.58 8.19
N GLN R 6 -12.21 -12.09 8.10
CA GLN R 6 -11.04 -11.24 8.30
C GLN R 6 -11.00 -10.09 7.30
N SER R 7 -11.35 -10.37 6.04
CA SER R 7 -11.39 -9.32 5.03
C SER R 7 -12.39 -8.22 5.39
N ILE R 8 -13.54 -8.60 5.96
CA ILE R 8 -14.53 -7.59 6.35
C ILE R 8 -14.00 -6.74 7.51
N LYS R 9 -13.28 -7.36 8.45
CA LYS R 9 -12.68 -6.58 9.53
C LYS R 9 -11.61 -5.62 9.03
N GLU R 10 -10.86 -6.00 7.99
CA GLU R 10 -9.85 -5.09 7.43
C GLU R 10 -10.52 -3.92 6.72
N LEU R 11 -11.49 -4.17 5.85
CA LEU R 11 -12.18 -3.06 5.20
C LEU R 11 -12.83 -2.13 6.22
N ALA R 12 -13.37 -2.70 7.30
CA ALA R 12 -13.96 -1.88 8.35
C ALA R 12 -12.94 -0.96 9.00
N LYS R 13 -11.68 -1.41 9.18
CA LYS R 13 -10.71 -0.48 9.78
C LYS R 13 -10.37 0.64 8.81
N SER R 14 -10.29 0.36 7.50
CA SER R 14 -10.00 1.43 6.53
C SER R 14 -11.12 2.46 6.50
N ILE R 15 -12.37 2.01 6.48
CA ILE R 15 -13.51 2.93 6.53
C ILE R 15 -13.40 3.84 7.74
N LYS R 16 -12.97 3.30 8.88
CA LYS R 16 -12.82 4.13 10.05
C LYS R 16 -11.70 5.17 9.88
N GLU R 17 -10.60 4.81 9.22
CA GLU R 17 -9.53 5.78 8.98
C GLU R 17 -10.00 6.91 8.08
N LEU R 18 -10.76 6.57 7.04
CA LEU R 18 -11.27 7.60 6.15
C LEU R 18 -12.28 8.51 6.84
N ALA R 19 -13.07 7.96 7.76
CA ALA R 19 -14.01 8.79 8.53
C ALA R 19 -13.26 9.84 9.33
N TRP R 20 -12.11 9.46 9.91
CA TRP R 20 -11.32 10.44 10.66
C TRP R 20 -10.81 11.54 9.75
N SER R 21 -10.40 11.19 8.54
CA SER R 21 -9.85 12.20 7.64
C SER R 21 -10.93 13.17 7.19
N ILE R 22 -12.16 12.67 6.99
CA ILE R 22 -13.26 13.53 6.58
CA ILE R 22 -13.27 13.52 6.59
CA ILE R 22 -13.33 13.48 6.61
C ILE R 22 -13.64 14.49 7.71
N LYS R 23 -13.67 14.01 8.94
CA LYS R 23 -14.01 14.92 10.05
C LYS R 23 -12.89 15.94 10.30
N GLU R 24 -11.63 15.55 10.11
CA GLU R 24 -10.54 16.52 10.22
C GLU R 24 -10.70 17.63 9.18
N LEU R 25 -11.05 17.27 7.95
CA LEU R 25 -11.25 18.28 6.92
C LEU R 25 -12.47 19.16 7.23
N ALA R 26 -13.53 18.56 7.77
CA ALA R 26 -14.73 19.33 8.10
C ALA R 26 -14.44 20.36 9.18
N GLN R 27 -13.65 19.98 10.19
CA GLN R 27 -13.32 20.93 11.25
C GLN R 27 -12.45 22.07 10.74
N SER R 28 -11.59 21.78 9.74
CA SER R 28 -10.79 22.85 9.15
C SER R 28 -11.66 23.82 8.36
N ILE R 29 -12.62 23.29 7.60
CA ILE R 29 -13.53 24.14 6.84
C ILE R 29 -14.35 25.01 7.78
N LYS R 30 -14.90 24.40 8.84
CA LYS R 30 -15.69 25.15 9.81
C LYS R 30 -14.86 26.23 10.50
N GLY R 31 -13.61 25.94 10.82
CA GLY R 31 -12.74 26.89 11.48
C GLY R 31 -12.64 28.20 10.74
S SO4 S . 28.94 -19.41 -5.08
O1 SO4 S . 27.51 -19.69 -4.96
O2 SO4 S . 29.31 -18.33 -4.17
O3 SO4 S . 29.24 -19.02 -6.45
O4 SO4 S . 29.71 -20.60 -4.75
S SO4 T . 36.70 -25.38 -21.20
O1 SO4 T . 37.03 -25.52 -19.78
O2 SO4 T . 37.29 -24.16 -21.74
O3 SO4 T . 37.20 -26.53 -21.94
O4 SO4 T . 35.24 -25.30 -21.34
#